data_5WD6
#
_entry.id   5WD6
#
_cell.length_a   81.650
_cell.length_b   59.570
_cell.length_c   89.940
_cell.angle_alpha   90.00
_cell.angle_beta   106.25
_cell.angle_gamma   90.00
#
_symmetry.space_group_name_H-M   'C 1 2 1'
#
loop_
_entity.id
_entity.type
_entity.pdbx_description
1 polymer 'Short palate, lung and nasal epithelium carcinoma-associated protein 2B'
2 non-polymer 'CALCIUM ION'
3 water water
#
_entity_poly.entity_id   1
_entity_poly.type   'polypeptide(L)'
_entity_poly.pdbx_seq_one_letter_code
;(MSE)SYYHHHHHHDYDIPTTENLYFQGA(MSE)GSSLPDIRGNDVLRKLKSGLERGLDTFDSTIEII(MSE)QNLKTEL
ESRCSDEVVEQQETENFLEQLISRIFQVVSRLTGVRIRNVQVPDIT(MSE)EATSENSANVLIPITADVTVSLPFLGEIV
DLDLNVDLQTTVSIETDTEDPQVVVGECTNNPESISLTVLHSRFGLVNDVVDIGVNLARRVVSSVVEGELCPRFRELLES
LDAECVEKLIGESQDTTQQEPEGSR
;
_entity_poly.pdbx_strand_id   A,B
#
# COMPACT_ATOMS: atom_id res chain seq x y z
N VAL A 38 -12.58 1.98 19.46
CA VAL A 38 -13.89 1.67 18.87
C VAL A 38 -13.85 1.83 17.36
N LEU A 39 -14.94 1.44 16.70
CA LEU A 39 -15.15 1.73 15.30
C LEU A 39 -15.85 3.08 15.11
N ARG A 40 -15.81 3.93 16.14
CA ARG A 40 -16.43 5.25 16.05
C ARG A 40 -15.73 6.12 15.02
N LYS A 41 -14.38 6.12 15.02
CA LYS A 41 -13.68 6.95 14.04
C LYS A 41 -13.90 6.46 12.62
N LEU A 42 -13.99 5.13 12.44
CA LEU A 42 -14.26 4.59 11.11
C LEU A 42 -15.65 4.98 10.63
N LYS A 43 -16.65 4.90 11.51
CA LYS A 43 -18.02 5.26 11.13
C LYS A 43 -18.08 6.70 10.60
N SER A 44 -17.50 7.65 11.35
CA SER A 44 -17.51 9.05 10.92
C SER A 44 -16.72 9.23 9.63
N GLY A 45 -15.57 8.57 9.53
CA GLY A 45 -14.79 8.67 8.32
C GLY A 45 -15.55 8.16 7.11
N LEU A 46 -16.24 7.03 7.26
CA LEU A 46 -17.00 6.50 6.14
C LEU A 46 -18.18 7.41 5.79
N GLU A 47 -18.78 8.06 6.78
CA GLU A 47 -19.85 9.03 6.52
C GLU A 47 -19.33 10.21 5.71
N ARG A 48 -18.18 10.78 6.10
CA ARG A 48 -17.57 11.83 5.31
C ARG A 48 -17.15 11.32 3.95
N GLY A 49 -16.67 10.09 3.90
CA GLY A 49 -16.01 9.60 2.71
C GLY A 49 -14.54 9.51 3.02
N LEU A 50 -13.93 8.35 2.80
CA LEU A 50 -12.51 8.23 3.13
C LEU A 50 -11.64 9.06 2.19
N ASP A 51 -12.14 9.45 1.02
CA ASP A 51 -11.34 10.30 0.14
C ASP A 51 -11.14 11.70 0.70
N THR A 52 -11.87 12.08 1.75
CA THR A 52 -11.60 13.35 2.43
C THR A 52 -10.31 13.30 3.24
N PHE A 53 -9.74 12.11 3.45
CA PHE A 53 -8.48 11.95 4.18
C PHE A 53 -7.27 11.77 3.26
N ASP A 54 -7.48 11.66 1.94
CA ASP A 54 -6.37 11.36 1.02
C ASP A 54 -6.80 11.79 -0.37
N SER A 55 -6.33 12.97 -0.80
CA SER A 55 -6.74 13.52 -2.08
C SER A 55 -6.28 12.70 -3.28
N THR A 56 -5.34 11.76 -3.11
CA THR A 56 -4.93 10.98 -4.27
C THR A 56 -5.93 9.89 -4.63
N ILE A 57 -6.91 9.61 -3.77
CA ILE A 57 -7.92 8.61 -4.09
C ILE A 57 -8.71 9.05 -5.32
N GLU A 58 -9.17 10.32 -5.32
CA GLU A 58 -9.92 10.85 -6.46
C GLU A 58 -9.08 10.84 -7.73
N ILE A 59 -7.76 11.04 -7.62
CA ILE A 59 -6.91 10.99 -8.81
C ILE A 59 -6.86 9.57 -9.36
N ILE A 60 -6.72 8.57 -8.48
CA ILE A 60 -6.71 7.18 -8.92
C ILE A 60 -8.04 6.80 -9.57
N GLN A 62 -9.94 8.85 -11.28
CA GLN A 62 -9.97 9.42 -12.62
C GLN A 62 -9.06 8.63 -13.57
N ASN A 63 -7.93 8.11 -13.06
CA ASN A 63 -7.09 7.23 -13.88
C ASN A 63 -7.83 5.96 -14.28
N LEU A 64 -8.61 5.40 -13.35
CA LEU A 64 -9.35 4.17 -13.65
C LEU A 64 -10.41 4.40 -14.72
N LYS A 65 -11.15 5.52 -14.62
CA LYS A 65 -12.18 5.81 -15.62
C LYS A 65 -11.56 5.91 -17.01
N THR A 66 -10.47 6.65 -17.14
CA THR A 66 -9.75 6.74 -18.41
C THR A 66 -9.32 5.34 -18.89
N GLU A 67 -8.56 4.62 -18.08
CA GLU A 67 -8.11 3.29 -18.47
C GLU A 67 -9.27 2.42 -18.93
N LEU A 68 -10.44 2.57 -18.30
CA LEU A 68 -11.57 1.71 -18.62
C LEU A 68 -12.15 2.05 -19.99
N GLU A 69 -12.20 3.35 -20.33
CA GLU A 69 -12.69 3.77 -21.64
C GLU A 69 -11.86 3.19 -22.79
N SER A 70 -10.66 2.66 -22.51
CA SER A 70 -9.80 2.08 -23.54
C SER A 70 -9.97 0.58 -23.68
N ARG A 71 -10.77 -0.06 -22.82
CA ARG A 71 -11.12 -1.46 -23.03
C ARG A 71 -11.72 -1.67 -24.41
N CYS A 72 -12.61 -0.76 -24.83
CA CYS A 72 -13.26 -0.84 -26.13
C CYS A 72 -12.62 0.18 -27.08
N SER A 73 -11.34 -0.06 -27.36
CA SER A 73 -10.54 0.82 -28.22
C SER A 73 -9.06 0.44 -28.16
N GLN A 80 -2.40 -5.17 -17.78
CA GLN A 80 -2.78 -5.35 -16.38
C GLN A 80 -3.02 -4.00 -15.72
N GLU A 81 -3.19 -2.97 -16.54
CA GLU A 81 -3.19 -1.60 -16.02
C GLU A 81 -4.42 -1.33 -15.16
N THR A 82 -5.59 -1.80 -15.59
CA THR A 82 -6.81 -1.54 -14.83
C THR A 82 -6.75 -2.21 -13.46
N GLU A 83 -6.35 -3.48 -13.46
CA GLU A 83 -6.16 -4.21 -12.21
C GLU A 83 -5.18 -3.48 -11.29
N ASN A 84 -4.10 -2.93 -11.84
CA ASN A 84 -3.11 -2.24 -11.03
C ASN A 84 -3.65 -0.94 -10.46
N PHE A 85 -4.45 -0.22 -11.24
CA PHE A 85 -5.11 0.96 -10.68
C PHE A 85 -6.06 0.58 -9.55
N LEU A 86 -6.79 -0.53 -9.71
CA LEU A 86 -7.72 -0.97 -8.67
C LEU A 86 -6.95 -1.35 -7.41
N GLU A 87 -5.81 -2.01 -7.56
CA GLU A 87 -5.00 -2.33 -6.40
C GLU A 87 -4.61 -1.06 -5.66
N GLN A 88 -4.16 -0.04 -6.41
CA GLN A 88 -3.79 1.23 -5.78
C GLN A 88 -5.00 1.85 -5.08
N LEU A 89 -6.13 1.89 -5.78
CA LEU A 89 -7.34 2.47 -5.23
C LEU A 89 -7.71 1.81 -3.91
N ILE A 90 -7.86 0.48 -3.95
CA ILE A 90 -8.22 -0.28 -2.76
C ILE A 90 -7.16 -0.12 -1.69
N SER A 91 -5.87 -0.13 -2.08
CA SER A 91 -4.79 0.07 -1.12
C SER A 91 -4.92 1.40 -0.39
N ARG A 92 -5.11 2.48 -1.16
CA ARG A 92 -5.19 3.81 -0.54
C ARG A 92 -6.40 3.89 0.38
N ILE A 93 -7.52 3.32 -0.03
CA ILE A 93 -8.70 3.29 0.83
C ILE A 93 -8.38 2.61 2.15
N PHE A 94 -7.79 1.41 2.09
CA PHE A 94 -7.47 0.71 3.32
C PHE A 94 -6.36 1.37 4.10
N GLN A 95 -5.47 2.13 3.45
CA GLN A 95 -4.49 2.92 4.19
C GLN A 95 -5.16 3.96 5.08
N VAL A 96 -6.22 4.61 4.59
CA VAL A 96 -6.98 5.52 5.46
C VAL A 96 -7.59 4.74 6.62
N VAL A 97 -8.21 3.60 6.32
CA VAL A 97 -8.81 2.73 7.33
C VAL A 97 -7.81 2.38 8.43
N SER A 98 -6.55 2.12 8.06
CA SER A 98 -5.53 1.80 9.07
C SER A 98 -5.26 2.97 10.00
N ARG A 99 -5.33 4.21 9.49
CA ARG A 99 -5.15 5.38 10.34
C ARG A 99 -6.30 5.56 11.33
N LEU A 100 -7.50 5.07 10.98
CA LEU A 100 -8.68 5.24 11.81
C LEU A 100 -8.95 4.05 12.73
N THR A 101 -8.37 2.89 12.46
CA THR A 101 -8.68 1.66 13.18
C THR A 101 -7.38 0.89 13.40
N GLY A 102 -7.48 -0.19 14.16
CA GLY A 102 -6.32 -1.04 14.28
C GLY A 102 -6.21 -2.12 13.23
N VAL A 103 -7.06 -2.08 12.20
CA VAL A 103 -7.13 -3.13 11.19
C VAL A 103 -6.35 -2.62 9.98
N ARG A 104 -5.20 -3.22 9.74
CA ARG A 104 -4.29 -2.76 8.70
C ARG A 104 -4.27 -3.78 7.57
N ILE A 105 -4.76 -3.36 6.42
CA ILE A 105 -4.92 -4.22 5.26
C ILE A 105 -3.96 -3.72 4.20
N ARG A 106 -3.13 -4.61 3.67
CA ARG A 106 -2.14 -4.18 2.69
C ARG A 106 -1.79 -5.38 1.82
N ASN A 107 -0.81 -5.19 0.93
CA ASN A 107 -0.44 -6.20 -0.05
C ASN A 107 -1.67 -6.59 -0.89
N VAL A 108 -2.38 -5.58 -1.36
CA VAL A 108 -3.63 -5.77 -2.09
C VAL A 108 -3.33 -6.25 -3.50
N GLN A 109 -3.94 -7.37 -3.91
CA GLN A 109 -3.78 -7.90 -5.25
C GLN A 109 -5.15 -8.08 -5.88
N VAL A 110 -5.27 -7.72 -7.15
CA VAL A 110 -6.44 -8.01 -7.96
C VAL A 110 -5.99 -8.84 -9.17
N PRO A 111 -6.13 -10.17 -9.10
CA PRO A 111 -5.52 -11.02 -10.14
C PRO A 111 -6.04 -10.77 -11.53
N ASP A 112 -7.35 -10.56 -11.67
CA ASP A 112 -7.98 -10.50 -12.99
C ASP A 112 -9.44 -10.07 -12.89
N ILE A 113 -9.80 -8.94 -13.50
CA ILE A 113 -11.21 -8.57 -13.65
C ILE A 113 -11.79 -9.39 -14.79
N THR A 114 -12.94 -10.00 -14.56
CA THR A 114 -13.59 -10.83 -15.57
C THR A 114 -15.07 -10.48 -15.68
N GLU A 116 -18.76 -12.44 -16.88
CA GLU A 116 -19.49 -13.66 -17.20
C GLU A 116 -20.89 -13.27 -17.71
N ALA A 117 -21.16 -13.56 -18.97
CA ALA A 117 -22.48 -13.28 -19.52
C ALA A 117 -23.54 -14.13 -18.81
N THR A 118 -24.62 -13.49 -18.38
CA THR A 118 -25.80 -14.20 -17.90
C THR A 118 -26.94 -14.17 -18.92
N SER A 119 -26.76 -13.47 -20.02
CA SER A 119 -27.70 -13.48 -21.15
C SER A 119 -27.01 -12.76 -22.29
N GLU A 120 -27.73 -12.63 -23.41
CA GLU A 120 -27.16 -11.83 -24.48
C GLU A 120 -27.13 -10.34 -24.13
N ASN A 121 -27.88 -9.91 -23.11
CA ASN A 121 -27.94 -8.50 -22.76
C ASN A 121 -27.45 -8.17 -21.36
N SER A 122 -26.82 -9.11 -20.65
CA SER A 122 -26.39 -8.82 -19.29
C SER A 122 -25.19 -9.68 -18.92
N ALA A 123 -24.43 -9.19 -17.95
CA ALA A 123 -23.29 -9.97 -17.46
C ALA A 123 -22.98 -9.55 -16.04
N ASN A 124 -22.33 -10.47 -15.31
CA ASN A 124 -21.76 -10.20 -14.00
C ASN A 124 -20.33 -9.74 -14.19
N VAL A 125 -19.95 -8.69 -13.47
CA VAL A 125 -18.57 -8.23 -13.45
C VAL A 125 -17.99 -8.65 -12.11
N LEU A 126 -16.86 -9.34 -12.13
CA LEU A 126 -16.26 -9.85 -10.90
C LEU A 126 -14.91 -9.18 -10.69
N ILE A 127 -14.69 -8.71 -9.47
CA ILE A 127 -13.40 -8.16 -9.04
C ILE A 127 -12.93 -8.97 -7.83
N PRO A 128 -11.99 -9.89 -8.02
CA PRO A 128 -11.46 -10.64 -6.87
C PRO A 128 -10.35 -9.85 -6.21
N ILE A 129 -10.36 -9.83 -4.88
CA ILE A 129 -9.38 -9.07 -4.11
C ILE A 129 -8.71 -10.02 -3.12
N THR A 130 -7.40 -9.93 -3.00
CA THR A 130 -6.70 -10.58 -1.91
C THR A 130 -5.86 -9.55 -1.18
N ALA A 131 -5.63 -9.79 0.11
CA ALA A 131 -4.84 -8.85 0.87
C ALA A 131 -4.37 -9.52 2.16
N ASP A 132 -3.34 -8.94 2.76
CA ASP A 132 -2.86 -9.34 4.08
C ASP A 132 -3.47 -8.39 5.12
N VAL A 133 -3.87 -8.93 6.26
CA VAL A 133 -4.52 -8.15 7.31
C VAL A 133 -3.77 -8.39 8.61
N THR A 134 -3.46 -7.30 9.33
CA THR A 134 -2.97 -7.40 10.71
C THR A 134 -3.86 -6.55 11.60
N VAL A 135 -4.39 -7.17 12.65
CA VAL A 135 -5.27 -6.52 13.62
C VAL A 135 -4.45 -6.21 14.86
N SER A 136 -4.44 -4.94 15.25
CA SER A 136 -3.81 -4.50 16.49
C SER A 136 -4.84 -3.94 17.46
N LEU A 137 -4.59 -4.14 18.75
CA LEU A 137 -5.45 -3.60 19.80
C LEU A 137 -4.61 -2.77 20.76
N PRO A 138 -5.22 -1.79 21.42
CA PRO A 138 -4.47 -1.02 22.41
C PRO A 138 -3.89 -1.96 23.47
N PHE A 139 -2.67 -1.64 23.90
CA PHE A 139 -1.90 -2.36 24.91
C PHE A 139 -1.29 -3.65 24.36
N LEU A 140 -2.09 -4.44 23.63
CA LEU A 140 -1.66 -5.75 23.16
C LEU A 140 -0.80 -5.68 21.91
N GLY A 141 -0.91 -4.61 21.12
CA GLY A 141 -0.20 -4.59 19.83
C GLY A 141 -0.87 -5.53 18.86
N GLU A 142 -0.05 -6.24 18.05
CA GLU A 142 -0.55 -7.06 16.97
C GLU A 142 -1.13 -8.36 17.52
N ILE A 143 -2.43 -8.58 17.32
CA ILE A 143 -3.07 -9.76 17.90
C ILE A 143 -3.34 -10.86 16.90
N VAL A 144 -3.41 -10.56 15.59
CA VAL A 144 -3.58 -11.65 14.60
C VAL A 144 -3.19 -11.16 13.22
N ASP A 145 -2.65 -12.09 12.41
CA ASP A 145 -2.41 -11.89 10.98
C ASP A 145 -3.36 -12.78 10.22
N LEU A 146 -4.03 -12.21 9.22
CA LEU A 146 -5.07 -12.89 8.46
C LEU A 146 -4.80 -12.79 6.96
N ASP A 147 -5.24 -13.80 6.22
CA ASP A 147 -5.35 -13.70 4.76
C ASP A 147 -6.77 -13.30 4.44
N LEU A 148 -6.94 -12.28 3.60
CA LEU A 148 -8.27 -11.78 3.25
C LEU A 148 -8.54 -12.05 1.77
N ASN A 149 -9.72 -12.60 1.47
CA ASN A 149 -10.26 -12.71 0.12
C ASN A 149 -11.61 -12.01 0.12
N VAL A 150 -11.80 -11.07 -0.81
CA VAL A 150 -13.09 -10.44 -1.04
C VAL A 150 -13.41 -10.56 -2.52
N ASP A 151 -14.62 -11.05 -2.85
CA ASP A 151 -15.08 -11.10 -4.24
C ASP A 151 -16.19 -10.07 -4.42
N LEU A 152 -15.93 -9.01 -5.17
CA LEU A 152 -16.96 -8.03 -5.50
C LEU A 152 -17.61 -8.41 -6.81
N GLN A 153 -18.94 -8.29 -6.89
CA GLN A 153 -19.69 -8.62 -8.09
C GLN A 153 -20.77 -7.57 -8.33
N THR A 154 -20.89 -7.17 -9.58
CA THR A 154 -21.95 -6.26 -10.00
C THR A 154 -22.41 -6.66 -11.40
N THR A 155 -23.71 -6.52 -11.66
CA THR A 155 -24.25 -6.80 -12.97
C THR A 155 -24.27 -5.54 -13.80
N VAL A 156 -24.05 -5.70 -15.09
CA VAL A 156 -24.30 -4.65 -16.07
C VAL A 156 -25.27 -5.23 -17.09
N SER A 157 -26.15 -4.36 -17.57
CA SER A 157 -27.19 -4.77 -18.51
C SER A 157 -27.34 -3.72 -19.59
N ILE A 158 -27.73 -4.17 -20.77
CA ILE A 158 -28.03 -3.30 -21.90
C ILE A 158 -29.50 -3.49 -22.26
N GLU A 159 -30.20 -2.37 -22.41
CA GLU A 159 -31.61 -2.43 -22.80
C GLU A 159 -31.75 -3.10 -24.17
N THR A 160 -32.80 -3.90 -24.32
CA THR A 160 -33.05 -4.61 -25.57
C THR A 160 -33.94 -3.80 -26.50
N ASP A 161 -33.95 -4.22 -27.77
CA ASP A 161 -34.92 -3.75 -28.77
C ASP A 161 -34.75 -2.26 -29.10
N THR A 162 -33.50 -1.78 -29.16
CA THR A 162 -33.24 -0.45 -29.68
C THR A 162 -31.80 -0.35 -30.15
N GLU A 163 -31.54 0.70 -30.93
CA GLU A 163 -30.19 1.05 -31.35
C GLU A 163 -29.57 2.17 -30.50
N ASP A 164 -30.35 2.77 -29.60
CA ASP A 164 -29.84 3.72 -28.62
C ASP A 164 -29.97 3.10 -27.22
N PRO A 165 -29.21 2.04 -26.93
CA PRO A 165 -29.47 1.26 -25.71
C PRO A 165 -28.94 1.96 -24.47
N GLN A 166 -29.80 2.09 -23.47
CA GLN A 166 -29.37 2.56 -22.16
C GLN A 166 -28.66 1.44 -21.41
N VAL A 167 -27.75 1.84 -20.51
CA VAL A 167 -26.97 0.93 -19.68
C VAL A 167 -27.52 0.97 -18.26
N VAL A 168 -27.69 -0.19 -17.64
CA VAL A 168 -28.09 -0.28 -16.25
C VAL A 168 -27.03 -1.06 -15.48
N VAL A 169 -26.43 -0.41 -14.48
CA VAL A 169 -25.53 -1.08 -13.55
C VAL A 169 -26.34 -1.54 -12.34
N GLY A 170 -26.26 -2.82 -12.04
CA GLY A 170 -27.01 -3.42 -10.96
C GLY A 170 -26.40 -3.14 -9.60
N GLU A 171 -26.98 -3.76 -8.59
CA GLU A 171 -26.49 -3.48 -7.27
C GLU A 171 -25.17 -4.21 -7.05
N CYS A 172 -24.40 -3.71 -6.10
CA CYS A 172 -23.18 -4.37 -5.63
C CYS A 172 -23.44 -4.79 -4.19
N THR A 173 -23.54 -6.10 -3.95
CA THR A 173 -24.07 -6.65 -2.72
C THR A 173 -22.95 -7.03 -1.76
N ASN A 174 -23.08 -6.63 -0.50
CA ASN A 174 -22.06 -6.84 0.53
C ASN A 174 -22.35 -8.15 1.29
N ASN A 175 -22.36 -9.23 0.54
CA ASN A 175 -22.70 -10.52 1.10
C ASN A 175 -21.60 -11.01 2.04
N PRO A 176 -21.88 -11.31 3.31
CA PRO A 176 -20.83 -11.82 4.21
C PRO A 176 -20.12 -13.05 3.66
N GLU A 177 -20.82 -13.90 2.90
CA GLU A 177 -20.15 -15.02 2.24
C GLU A 177 -19.09 -14.57 1.25
N SER A 178 -19.15 -13.33 0.77
CA SER A 178 -18.14 -12.83 -0.15
C SER A 178 -16.85 -12.41 0.54
N ILE A 179 -16.81 -12.45 1.87
CA ILE A 179 -15.66 -11.99 2.65
C ILE A 179 -15.11 -13.19 3.38
N SER A 180 -13.84 -13.49 3.16
CA SER A 180 -13.21 -14.68 3.73
C SER A 180 -11.93 -14.26 4.46
N LEU A 181 -11.80 -14.66 5.73
CA LEU A 181 -10.61 -14.36 6.52
C LEU A 181 -10.04 -15.67 7.05
N THR A 182 -8.74 -15.88 6.85
CA THR A 182 -8.04 -17.09 7.28
C THR A 182 -6.96 -16.70 8.27
N VAL A 183 -6.98 -17.31 9.45
CA VAL A 183 -5.97 -16.98 10.46
C VAL A 183 -4.63 -17.58 10.04
N LEU A 184 -3.61 -16.72 9.94
CA LEU A 184 -2.25 -17.19 9.66
C LEU A 184 -1.37 -17.28 10.90
N HIS A 185 -1.45 -16.31 11.81
CA HIS A 185 -0.49 -16.25 12.90
C HIS A 185 -1.07 -15.39 14.01
N SER A 186 -0.76 -15.75 15.26
CA SER A 186 -1.05 -14.89 16.40
C SER A 186 -0.04 -15.20 17.48
N ARG A 187 0.70 -14.19 17.92
CA ARG A 187 1.69 -14.44 18.97
C ARG A 187 1.03 -14.84 20.29
N PHE A 188 -0.28 -14.73 20.38
CA PHE A 188 -1.03 -15.14 21.56
C PHE A 188 -1.48 -16.59 21.47
N GLY A 189 -1.16 -17.29 20.38
CA GLY A 189 -1.63 -18.64 20.22
C GLY A 189 -2.82 -18.68 19.29
N LEU A 190 -2.79 -19.62 18.34
CA LEU A 190 -3.82 -19.68 17.31
C LEU A 190 -5.22 -19.89 17.90
N VAL A 191 -5.33 -20.60 19.02
CA VAL A 191 -6.66 -20.91 19.56
C VAL A 191 -7.03 -20.01 20.73
N ASN A 192 -6.20 -19.04 21.06
CA ASN A 192 -6.55 -18.05 22.07
C ASN A 192 -7.81 -17.26 21.67
N ASP A 193 -8.57 -16.85 22.68
CA ASP A 193 -9.79 -16.09 22.44
C ASP A 193 -9.54 -14.76 21.73
N VAL A 194 -8.35 -14.17 21.91
CA VAL A 194 -8.08 -12.90 21.27
C VAL A 194 -8.08 -13.04 19.75
N VAL A 195 -7.84 -14.24 19.22
CA VAL A 195 -7.84 -14.41 17.78
C VAL A 195 -9.23 -14.19 17.22
N ASP A 196 -10.25 -14.79 17.85
CA ASP A 196 -11.62 -14.64 17.36
C ASP A 196 -12.09 -13.20 17.46
N ILE A 197 -11.63 -12.48 18.48
CA ILE A 197 -11.89 -11.04 18.58
C ILE A 197 -11.27 -10.29 17.41
N GLY A 198 -10.02 -10.59 17.07
CA GLY A 198 -9.38 -9.94 15.95
C GLY A 198 -10.09 -10.23 14.64
N VAL A 199 -10.48 -11.50 14.42
CA VAL A 199 -11.15 -11.89 13.19
C VAL A 199 -12.46 -11.15 13.05
N ASN A 200 -13.26 -11.14 14.11
CA ASN A 200 -14.58 -10.49 14.03
C ASN A 200 -14.43 -8.99 13.83
N LEU A 201 -13.43 -8.38 14.46
CA LEU A 201 -13.18 -6.96 14.24
C LEU A 201 -12.75 -6.69 12.80
N ALA A 202 -11.87 -7.52 12.22
CA ALA A 202 -11.48 -7.33 10.82
C ALA A 202 -12.67 -7.50 9.87
N ARG A 203 -13.53 -8.49 10.13
N ARG A 203 -13.53 -8.50 10.11
CA ARG A 203 -14.68 -8.72 9.26
CA ARG A 203 -14.68 -8.68 9.23
C ARG A 203 -15.64 -7.54 9.30
C ARG A 203 -15.61 -7.49 9.29
N ARG A 204 -15.87 -6.97 10.49
CA ARG A 204 -16.71 -5.79 10.62
C ARG A 204 -16.11 -4.62 9.86
N VAL A 205 -14.80 -4.44 9.94
CA VAL A 205 -14.18 -3.31 9.26
C VAL A 205 -14.24 -3.49 7.74
N VAL A 206 -13.85 -4.67 7.25
CA VAL A 206 -13.88 -4.93 5.82
C VAL A 206 -15.29 -4.79 5.28
N SER A 207 -16.26 -5.37 5.98
CA SER A 207 -17.65 -5.28 5.52
C SER A 207 -18.11 -3.82 5.44
N SER A 208 -17.77 -3.01 6.43
CA SER A 208 -18.16 -1.60 6.39
C SER A 208 -17.50 -0.89 5.21
N VAL A 209 -16.25 -1.25 4.92
CA VAL A 209 -15.54 -0.57 3.84
C VAL A 209 -16.07 -1.01 2.49
N VAL A 210 -16.42 -2.30 2.34
CA VAL A 210 -17.04 -2.75 1.09
C VAL A 210 -18.35 -2.01 0.85
N GLU A 211 -19.19 -1.89 1.89
CA GLU A 211 -20.49 -1.25 1.66
C GLU A 211 -20.33 0.24 1.39
N GLY A 212 -19.45 0.92 2.13
CA GLY A 212 -19.36 2.36 2.07
C GLY A 212 -18.45 2.91 0.98
N GLU A 213 -17.49 2.11 0.52
CA GLU A 213 -16.47 2.63 -0.41
C GLU A 213 -16.32 1.75 -1.64
N LEU A 214 -16.04 0.45 -1.47
CA LEU A 214 -15.66 -0.34 -2.64
C LEU A 214 -16.86 -0.58 -3.58
N CYS A 215 -17.98 -1.04 -3.04
CA CYS A 215 -19.13 -1.27 -3.91
C CYS A 215 -19.57 0.03 -4.57
N PRO A 216 -19.73 1.14 -3.85
CA PRO A 216 -20.08 2.39 -4.54
C PRO A 216 -19.11 2.79 -5.64
N ARG A 217 -17.79 2.64 -5.40
CA ARG A 217 -16.84 3.01 -6.43
C ARG A 217 -16.90 2.06 -7.62
N PHE A 218 -17.07 0.77 -7.36
CA PHE A 218 -17.26 -0.24 -8.40
C PHE A 218 -18.41 0.16 -9.33
N ARG A 219 -19.56 0.49 -8.74
CA ARG A 219 -20.70 0.90 -9.56
C ARG A 219 -20.38 2.16 -10.34
N GLU A 220 -19.71 3.13 -9.71
CA GLU A 220 -19.38 4.40 -10.36
C GLU A 220 -18.47 4.18 -11.56
N LEU A 221 -17.49 3.29 -11.43
CA LEU A 221 -16.59 2.99 -12.53
C LEU A 221 -17.34 2.37 -13.69
N LEU A 222 -18.23 1.43 -13.42
CA LEU A 222 -19.00 0.82 -14.49
C LEU A 222 -19.96 1.82 -15.13
N GLU A 223 -20.51 2.74 -14.33
CA GLU A 223 -21.40 3.77 -14.89
C GLU A 223 -20.64 4.80 -15.73
N SER A 224 -19.31 4.85 -15.61
CA SER A 224 -18.52 5.74 -16.46
C SER A 224 -18.27 5.16 -17.86
N LEU A 225 -18.52 3.87 -18.08
CA LEU A 225 -18.30 3.25 -19.37
C LEU A 225 -19.34 3.72 -20.39
N ASP A 226 -18.98 3.68 -21.67
CA ASP A 226 -19.87 4.08 -22.74
C ASP A 226 -20.86 2.96 -23.08
N ALA A 227 -22.05 3.37 -23.53
CA ALA A 227 -23.07 2.39 -23.91
C ALA A 227 -22.55 1.42 -24.96
N GLU A 228 -21.84 1.93 -25.97
CA GLU A 228 -21.25 1.06 -26.97
C GLU A 228 -20.19 0.15 -26.36
N CYS A 229 -19.45 0.65 -25.37
CA CYS A 229 -18.42 -0.17 -24.74
C CYS A 229 -19.05 -1.34 -23.98
N VAL A 230 -20.01 -1.03 -23.10
CA VAL A 230 -20.68 -2.09 -22.34
C VAL A 230 -21.30 -3.11 -23.28
N GLU A 231 -21.97 -2.65 -24.34
CA GLU A 231 -22.50 -3.54 -25.35
C GLU A 231 -21.41 -4.46 -25.91
N LYS A 232 -20.30 -3.86 -26.35
CA LYS A 232 -19.17 -4.64 -26.84
C LYS A 232 -18.70 -5.67 -25.82
N LEU A 233 -18.61 -5.28 -24.53
CA LEU A 233 -18.10 -6.18 -23.51
C LEU A 233 -19.06 -7.33 -23.21
N ILE A 234 -20.35 -7.03 -23.07
CA ILE A 234 -21.31 -8.08 -22.72
C ILE A 234 -21.33 -9.18 -23.77
N GLY A 235 -21.24 -8.81 -25.05
CA GLY A 235 -21.23 -9.82 -26.09
C GLY A 235 -20.02 -10.72 -26.02
N GLU A 236 -18.84 -10.12 -25.77
CA GLU A 236 -17.60 -10.88 -25.70
C GLU A 236 -17.60 -11.88 -24.55
N SER A 237 -18.43 -11.69 -23.52
CA SER A 237 -18.40 -12.53 -22.34
C SER A 237 -19.25 -13.80 -22.49
N GLN A 238 -19.65 -14.17 -23.70
CA GLN A 238 -20.54 -15.30 -23.93
C GLN A 238 -19.81 -16.50 -24.51
N ASP B 37 17.67 11.32 -17.77
CA ASP B 37 17.21 10.19 -18.58
C ASP B 37 15.82 9.73 -18.15
N VAL B 38 15.64 8.41 -17.99
CA VAL B 38 14.34 7.88 -17.58
C VAL B 38 13.97 8.36 -16.19
N LEU B 39 14.96 8.59 -15.33
CA LEU B 39 14.71 9.02 -13.97
C LEU B 39 14.54 10.53 -13.83
N ARG B 40 14.47 11.26 -14.95
CA ARG B 40 14.32 12.71 -14.87
C ARG B 40 13.12 13.10 -14.03
N LYS B 41 11.99 12.41 -14.23
CA LYS B 41 10.78 12.72 -13.47
C LYS B 41 11.02 12.48 -11.98
N LEU B 42 11.64 11.35 -11.64
CA LEU B 42 12.00 11.07 -10.25
C LEU B 42 12.95 12.13 -9.69
N LYS B 43 13.97 12.50 -10.46
CA LYS B 43 14.97 13.44 -9.95
C LYS B 43 14.35 14.79 -9.63
N SER B 44 13.47 15.29 -10.50
CA SER B 44 12.80 16.55 -10.21
C SER B 44 11.93 16.41 -8.97
N GLY B 45 11.19 15.30 -8.84
CA GLY B 45 10.41 15.08 -7.64
C GLY B 45 11.28 15.08 -6.38
N LEU B 46 12.44 14.44 -6.45
CA LEU B 46 13.36 14.44 -5.31
C LEU B 46 13.91 15.84 -5.04
N GLU B 47 14.10 16.64 -6.09
CA GLU B 47 14.55 18.02 -5.90
C GLU B 47 13.49 18.85 -5.19
N ARG B 48 12.24 18.77 -5.63
CA ARG B 48 11.18 19.47 -4.92
C ARG B 48 10.94 18.89 -3.53
N GLY B 49 11.28 17.62 -3.31
CA GLY B 49 10.85 16.92 -2.11
C GLY B 49 9.60 16.12 -2.39
N LEU B 50 9.64 14.82 -2.08
CA LEU B 50 8.54 13.93 -2.39
C LEU B 50 7.30 14.24 -1.57
N ASP B 51 7.45 14.94 -0.44
CA ASP B 51 6.27 15.30 0.35
C ASP B 51 5.38 16.32 -0.37
N THR B 52 5.90 17.00 -1.39
CA THR B 52 5.08 17.92 -2.18
C THR B 52 4.02 17.18 -3.00
N PHE B 53 4.15 15.87 -3.16
CA PHE B 53 3.20 15.07 -3.90
C PHE B 53 2.18 14.34 -3.02
N ASP B 54 2.35 14.38 -1.70
CA ASP B 54 1.46 13.63 -0.80
C ASP B 54 1.54 14.29 0.57
N SER B 55 0.53 15.13 0.87
CA SER B 55 0.53 15.89 2.11
C SER B 55 0.52 15.01 3.34
N THR B 56 0.10 13.75 3.22
CA THR B 56 0.07 12.89 4.39
C THR B 56 1.46 12.46 4.86
N ILE B 57 2.49 12.62 4.01
CA ILE B 57 3.84 12.20 4.42
C ILE B 57 4.29 12.99 5.64
N GLU B 58 4.17 14.33 5.58
CA GLU B 58 4.61 15.14 6.71
C GLU B 58 3.80 14.84 7.97
N ILE B 59 2.52 14.53 7.81
CA ILE B 59 1.71 14.16 8.96
C ILE B 59 2.30 12.94 9.67
N ILE B 60 2.68 11.92 8.90
CA ILE B 60 3.29 10.74 9.50
C ILE B 60 4.61 11.10 10.17
N GLN B 62 5.44 13.86 11.67
CA GLN B 62 5.12 14.40 12.99
C GLN B 62 4.66 13.31 13.94
N ASN B 63 3.83 12.37 13.45
CA ASN B 63 3.41 11.24 14.27
C ASN B 63 4.61 10.45 14.75
N LEU B 64 5.55 10.18 13.85
CA LEU B 64 6.78 9.48 14.23
C LEU B 64 7.53 10.25 15.31
N LYS B 65 7.76 11.55 15.08
CA LYS B 65 8.45 12.38 16.06
C LYS B 65 7.80 12.26 17.42
N THR B 66 6.47 12.36 17.46
CA THR B 66 5.73 12.18 18.70
C THR B 66 5.89 10.76 19.22
N GLU B 67 5.79 9.77 18.34
CA GLU B 67 5.96 8.38 18.75
C GLU B 67 7.32 8.15 19.39
N LEU B 68 8.39 8.60 18.73
CA LEU B 68 9.72 8.48 19.31
C LEU B 68 9.80 9.16 20.66
N GLU B 69 9.32 10.41 20.74
CA GLU B 69 9.26 11.11 22.02
C GLU B 69 8.55 10.29 23.08
N SER B 70 7.50 9.56 22.68
CA SER B 70 6.76 8.74 23.63
C SER B 70 7.62 7.65 24.24
N ARG B 71 8.61 7.15 23.50
CA ARG B 71 9.41 6.07 24.05
C ARG B 71 10.32 6.52 25.19
N CYS B 72 10.34 7.81 25.51
CA CYS B 72 11.12 8.30 26.63
C CYS B 72 10.21 8.80 27.75
N GLU B 81 4.78 0.02 17.03
CA GLU B 81 4.33 1.41 17.20
C GLU B 81 5.14 2.34 16.30
N THR B 82 6.38 2.62 16.72
CA THR B 82 7.29 3.38 15.87
C THR B 82 7.51 2.66 14.54
N GLU B 83 7.68 1.34 14.60
CA GLU B 83 7.86 0.53 13.40
C GLU B 83 6.69 0.71 12.43
N ASN B 84 5.46 0.76 12.94
CA ASN B 84 4.30 0.91 12.06
C ASN B 84 4.27 2.29 11.42
N PHE B 85 4.49 3.35 12.20
CA PHE B 85 4.64 4.67 11.60
C PHE B 85 5.76 4.66 10.58
N LEU B 86 6.86 3.95 10.88
CA LEU B 86 7.98 3.88 9.97
C LEU B 86 7.58 3.19 8.67
N GLU B 87 6.85 2.07 8.79
CA GLU B 87 6.34 1.39 7.60
C GLU B 87 5.44 2.32 6.79
N GLN B 88 4.57 3.08 7.48
CA GLN B 88 3.64 3.96 6.79
C GLN B 88 4.38 5.05 6.02
N LEU B 89 5.34 5.69 6.68
CA LEU B 89 6.12 6.74 6.05
C LEU B 89 6.84 6.22 4.81
N ILE B 90 7.57 5.12 4.96
CA ILE B 90 8.33 4.58 3.84
C ILE B 90 7.38 4.16 2.72
N SER B 91 6.22 3.58 3.09
CA SER B 91 5.22 3.17 2.12
C SER B 91 4.76 4.36 1.30
N ARG B 92 4.30 5.42 1.98
CA ARG B 92 3.83 6.61 1.26
C ARG B 92 4.93 7.17 0.38
N ILE B 93 6.18 7.13 0.84
CA ILE B 93 7.27 7.66 0.03
C ILE B 93 7.38 6.87 -1.28
N PHE B 94 7.39 5.54 -1.17
CA PHE B 94 7.47 4.72 -2.38
C PHE B 94 6.20 4.79 -3.22
N GLN B 95 5.07 5.21 -2.66
CA GLN B 95 3.90 5.40 -3.50
C GLN B 95 4.02 6.65 -4.36
N VAL B 96 4.72 7.68 -3.88
CA VAL B 96 5.03 8.81 -4.75
C VAL B 96 6.00 8.38 -5.83
N VAL B 97 6.98 7.54 -5.46
CA VAL B 97 7.98 7.07 -6.43
C VAL B 97 7.30 6.30 -7.56
N SER B 98 6.25 5.54 -7.23
CA SER B 98 5.49 4.81 -8.24
C SER B 98 4.73 5.73 -9.19
N ARG B 99 4.38 6.94 -8.76
CA ARG B 99 3.80 7.93 -9.66
C ARG B 99 4.85 8.58 -10.55
N LEU B 100 6.13 8.47 -10.19
CA LEU B 100 7.16 9.10 -10.99
C LEU B 100 7.98 8.11 -11.80
N THR B 101 7.80 6.80 -11.60
CA THR B 101 8.64 5.78 -12.23
C THR B 101 7.81 4.55 -12.53
N GLY B 102 8.42 3.61 -13.26
CA GLY B 102 7.92 2.27 -13.43
C GLY B 102 8.28 1.28 -12.32
N VAL B 103 8.83 1.75 -11.20
CA VAL B 103 9.26 0.86 -10.12
C VAL B 103 8.26 1.00 -8.99
N ARG B 104 7.52 -0.07 -8.73
CA ARG B 104 6.39 -0.06 -7.81
C ARG B 104 6.78 -0.86 -6.59
N ILE B 105 7.02 -0.18 -5.49
CA ILE B 105 7.48 -0.80 -4.25
C ILE B 105 6.37 -0.68 -3.22
N ARG B 106 5.96 -1.82 -2.68
CA ARG B 106 4.88 -1.84 -1.70
C ARG B 106 5.09 -3.04 -0.78
N ASN B 107 4.08 -3.32 0.06
CA ASN B 107 4.21 -4.33 1.11
C ASN B 107 5.44 -4.08 2.00
N VAL B 108 5.70 -2.81 2.30
CA VAL B 108 6.89 -2.42 3.04
C VAL B 108 6.80 -2.92 4.48
N GLN B 109 7.90 -3.47 4.99
CA GLN B 109 7.91 -3.98 6.36
C GLN B 109 9.22 -3.67 7.06
N VAL B 110 9.12 -3.28 8.33
CA VAL B 110 10.27 -2.99 9.17
C VAL B 110 10.16 -3.86 10.42
N PRO B 111 10.91 -4.97 10.47
CA PRO B 111 10.80 -5.89 11.61
C PRO B 111 11.03 -5.23 12.97
N ASP B 112 12.26 -4.76 13.18
CA ASP B 112 12.62 -4.14 14.46
C ASP B 112 13.70 -3.11 14.22
N ILE B 113 13.50 -1.90 14.76
CA ILE B 113 14.58 -0.93 14.84
C ILE B 113 15.56 -1.40 15.91
N THR B 114 16.77 -1.73 15.51
CA THR B 114 17.79 -2.21 16.43
C THR B 114 18.68 -1.04 16.84
N GLU B 116 22.36 -0.74 18.98
CA GLU B 116 23.49 -1.44 19.61
C GLU B 116 24.41 -0.37 20.19
N ALA B 117 24.49 -0.32 21.51
CA ALA B 117 25.36 0.66 22.16
C ALA B 117 26.81 0.41 21.74
N THR B 118 27.50 1.48 21.33
CA THR B 118 28.92 1.43 21.04
C THR B 118 29.75 2.07 22.14
N SER B 119 29.12 2.85 23.01
CA SER B 119 29.77 3.40 24.20
C SER B 119 28.68 3.78 25.18
N GLU B 120 29.08 4.46 26.25
CA GLU B 120 28.13 4.89 27.26
C GLU B 120 27.14 5.90 26.69
N ASN B 121 27.55 6.65 25.67
CA ASN B 121 26.75 7.74 25.11
C ASN B 121 26.67 7.68 23.59
N SER B 122 26.79 6.49 23.00
CA SER B 122 26.74 6.37 21.54
C SER B 122 26.15 5.02 21.18
N ALA B 123 25.58 4.93 19.98
CA ALA B 123 24.98 3.67 19.57
C ALA B 123 24.82 3.65 18.06
N ASN B 124 24.90 2.46 17.48
CA ASN B 124 24.56 2.25 16.09
C ASN B 124 23.05 2.00 16.00
N VAL B 125 22.39 2.67 15.06
CA VAL B 125 20.94 2.57 14.89
C VAL B 125 20.66 1.97 13.51
N LEU B 126 19.90 0.87 13.47
CA LEU B 126 19.63 0.10 12.26
C LEU B 126 18.14 0.02 11.99
N ILE B 127 17.73 0.34 10.77
CA ILE B 127 16.37 0.16 10.28
C ILE B 127 16.40 -0.81 9.11
N PRO B 128 16.05 -2.07 9.32
CA PRO B 128 16.00 -3.03 8.21
C PRO B 128 14.66 -2.87 7.49
N ILE B 129 14.70 -2.81 6.16
CA ILE B 129 13.51 -2.60 5.34
C ILE B 129 13.37 -3.77 4.38
N THR B 130 12.18 -4.33 4.32
CA THR B 130 11.86 -5.32 3.29
C THR B 130 10.61 -4.85 2.56
N ALA B 131 10.54 -5.21 1.28
CA ALA B 131 9.42 -4.75 0.46
C ALA B 131 9.37 -5.60 -0.80
N ASP B 132 8.21 -5.56 -1.46
CA ASP B 132 8.03 -6.24 -2.73
C ASP B 132 8.14 -5.20 -3.84
N VAL B 133 8.82 -5.57 -4.93
CA VAL B 133 9.09 -4.65 -6.03
C VAL B 133 8.52 -5.28 -7.30
N THR B 134 7.81 -4.46 -8.09
CA THR B 134 7.43 -4.82 -9.45
C THR B 134 7.94 -3.73 -10.38
N VAL B 135 8.70 -4.13 -11.39
CA VAL B 135 9.24 -3.19 -12.36
C VAL B 135 8.44 -3.32 -13.64
N SER B 136 8.00 -2.19 -14.17
CA SER B 136 7.25 -2.13 -15.42
C SER B 136 8.02 -1.33 -16.46
N LEU B 137 7.87 -1.74 -17.72
CA LEU B 137 8.43 -1.00 -18.84
C LEU B 137 7.34 -0.69 -19.85
N PRO B 138 7.45 0.43 -20.56
CA PRO B 138 6.55 0.67 -21.70
C PRO B 138 6.46 -0.55 -22.61
N PHE B 139 5.29 -0.71 -23.24
CA PHE B 139 4.96 -1.86 -24.09
C PHE B 139 4.81 -3.14 -23.27
N LEU B 140 5.90 -3.59 -22.66
CA LEU B 140 5.94 -4.92 -22.05
C LEU B 140 5.15 -4.99 -20.74
N GLY B 141 4.90 -3.86 -20.08
CA GLY B 141 4.27 -3.91 -18.78
C GLY B 141 5.22 -4.43 -17.71
N GLU B 142 4.70 -5.25 -16.80
CA GLU B 142 5.50 -5.74 -15.69
C GLU B 142 6.52 -6.74 -16.20
N ILE B 143 7.81 -6.48 -15.92
CA ILE B 143 8.87 -7.33 -16.42
C ILE B 143 9.47 -8.23 -15.34
N VAL B 144 9.43 -7.83 -14.06
CA VAL B 144 10.06 -8.63 -13.02
C VAL B 144 9.44 -8.27 -11.68
N ASP B 145 9.32 -9.27 -10.81
CA ASP B 145 8.95 -9.09 -9.41
C ASP B 145 10.21 -9.36 -8.59
N LEU B 146 10.53 -8.47 -7.66
CA LEU B 146 11.75 -8.60 -6.87
C LEU B 146 11.44 -8.53 -5.38
N ASP B 147 12.32 -9.14 -4.60
CA ASP B 147 12.38 -8.99 -3.16
C ASP B 147 13.44 -7.96 -2.81
N LEU B 148 13.06 -6.91 -2.11
CA LEU B 148 13.98 -5.86 -1.71
C LEU B 148 14.31 -5.97 -0.23
N ASN B 149 15.60 -5.84 0.10
CA ASN B 149 16.05 -5.62 1.48
C ASN B 149 16.96 -4.39 1.49
N VAL B 150 16.63 -3.41 2.32
CA VAL B 150 17.46 -2.23 2.55
C VAL B 150 17.81 -2.18 4.03
N ASP B 151 19.07 -1.91 4.34
CA ASP B 151 19.47 -1.65 5.73
C ASP B 151 19.93 -0.20 5.86
N LEU B 152 19.11 0.62 6.52
CA LEU B 152 19.48 1.99 6.84
C LEU B 152 20.29 2.01 8.14
N GLN B 153 21.50 2.57 8.09
CA GLN B 153 22.40 2.52 9.24
C GLN B 153 22.94 3.89 9.55
N THR B 154 22.83 4.31 10.81
CA THR B 154 23.48 5.54 11.23
C THR B 154 23.95 5.39 12.67
N THR B 155 24.46 6.48 13.22
CA THR B 155 24.95 6.51 14.60
C THR B 155 24.36 7.73 15.30
N VAL B 156 24.11 7.57 16.59
CA VAL B 156 23.70 8.67 17.44
C VAL B 156 24.68 8.77 18.61
N SER B 157 25.01 10.00 18.98
CA SER B 157 25.94 10.28 20.06
C SER B 157 25.46 11.48 20.85
N ILE B 158 25.68 11.44 22.16
CA ILE B 158 25.30 12.55 23.03
C ILE B 158 26.26 13.71 22.86
N ASP B 164 23.21 22.05 27.67
CA ASP B 164 24.56 22.20 27.12
C ASP B 164 24.91 21.15 26.05
N PRO B 165 24.73 19.86 26.32
CA PRO B 165 25.11 18.85 25.32
C PRO B 165 24.01 18.54 24.32
N GLN B 166 24.40 18.38 23.07
CA GLN B 166 23.49 18.16 21.96
C GLN B 166 23.57 16.72 21.47
N VAL B 167 22.60 16.35 20.65
CA VAL B 167 22.53 15.02 20.06
C VAL B 167 23.10 15.07 18.65
N VAL B 168 24.21 14.38 18.43
CA VAL B 168 24.84 14.28 17.12
C VAL B 168 24.32 13.03 16.41
N VAL B 169 23.87 13.18 15.17
CA VAL B 169 23.49 12.05 14.34
C VAL B 169 24.52 11.96 13.23
N GLY B 170 25.13 10.78 13.10
CA GLY B 170 26.17 10.57 12.11
C GLY B 170 25.63 10.56 10.71
N GLU B 171 26.54 10.28 9.77
CA GLU B 171 26.14 10.12 8.39
C GLU B 171 25.15 8.97 8.26
N CYS B 172 24.31 9.07 7.24
CA CYS B 172 23.47 7.95 6.83
C CYS B 172 23.99 7.54 5.46
N THR B 173 24.75 6.46 5.43
CA THR B 173 25.51 6.06 4.26
C THR B 173 24.61 5.29 3.30
N ASN B 174 24.59 5.72 2.04
CA ASN B 174 23.83 5.05 0.99
C ASN B 174 24.77 4.09 0.30
N ASN B 175 25.01 2.94 0.95
CA ASN B 175 25.92 1.95 0.39
C ASN B 175 25.14 0.93 -0.42
N PRO B 176 25.51 0.70 -1.68
CA PRO B 176 24.80 -0.31 -2.48
C PRO B 176 25.08 -1.74 -2.04
N GLU B 177 26.04 -1.96 -1.15
CA GLU B 177 26.10 -3.22 -0.43
C GLU B 177 24.88 -3.40 0.44
N SER B 178 24.29 -2.30 0.91
CA SER B 178 23.14 -2.35 1.79
C SER B 178 21.81 -2.39 1.05
N ILE B 179 21.81 -2.44 -0.28
CA ILE B 179 20.60 -2.66 -1.07
C ILE B 179 20.72 -4.03 -1.74
N SER B 180 19.77 -4.90 -1.44
CA SER B 180 19.74 -6.26 -1.98
C SER B 180 18.43 -6.43 -2.74
N LEU B 181 18.52 -6.82 -4.00
CA LEU B 181 17.35 -7.14 -4.81
C LEU B 181 17.46 -8.58 -5.27
N THR B 182 16.44 -9.37 -4.98
CA THR B 182 16.40 -10.79 -5.30
C THR B 182 15.26 -11.04 -6.27
N VAL B 183 15.55 -11.75 -7.37
CA VAL B 183 14.55 -11.93 -8.41
C VAL B 183 13.61 -13.07 -8.01
N LEU B 184 12.31 -12.79 -8.03
CA LEU B 184 11.26 -13.75 -7.69
C LEU B 184 10.58 -14.33 -8.92
N HIS B 185 10.25 -13.48 -9.89
CA HIS B 185 9.42 -13.90 -11.01
C HIS B 185 9.66 -12.95 -12.17
N SER B 186 9.65 -13.51 -13.38
CA SER B 186 9.55 -12.70 -14.59
C SER B 186 8.80 -13.50 -15.65
N ARG B 187 7.95 -12.78 -16.38
CA ARG B 187 7.28 -13.34 -17.53
C ARG B 187 8.26 -13.71 -18.63
N PHE B 188 9.43 -13.09 -18.64
CA PHE B 188 10.40 -13.20 -19.72
C PHE B 188 11.61 -14.03 -19.33
N GLY B 189 11.46 -14.93 -18.35
CA GLY B 189 12.56 -15.76 -17.88
C GLY B 189 13.63 -14.98 -17.13
N LEU B 190 14.64 -15.72 -16.69
CA LEU B 190 15.75 -15.15 -15.94
C LEU B 190 17.09 -15.27 -16.66
N VAL B 191 17.14 -16.05 -17.74
CA VAL B 191 18.35 -16.08 -18.56
C VAL B 191 18.63 -14.71 -19.17
N ASN B 192 17.58 -13.94 -19.49
CA ASN B 192 17.66 -12.78 -20.36
C ASN B 192 18.35 -11.61 -19.67
N ASP B 193 18.51 -10.55 -20.46
CA ASP B 193 18.82 -9.22 -19.96
C ASP B 193 17.57 -8.44 -19.57
N VAL B 194 16.37 -9.01 -19.73
CA VAL B 194 15.16 -8.32 -19.28
C VAL B 194 15.19 -8.13 -17.77
N VAL B 195 15.38 -9.22 -17.04
CA VAL B 195 15.52 -9.16 -15.57
C VAL B 195 16.66 -8.23 -15.17
N ASP B 196 17.81 -8.34 -15.86
CA ASP B 196 18.95 -7.47 -15.54
C ASP B 196 18.55 -6.00 -15.62
N ILE B 197 17.85 -5.64 -16.68
CA ILE B 197 17.39 -4.25 -16.79
C ILE B 197 16.44 -3.91 -15.66
N GLY B 198 15.51 -4.83 -15.35
CA GLY B 198 14.58 -4.57 -14.26
C GLY B 198 15.31 -4.36 -12.94
N VAL B 199 16.23 -5.27 -12.62
CA VAL B 199 16.99 -5.17 -11.37
C VAL B 199 17.76 -3.85 -11.32
N ASN B 200 18.43 -3.51 -12.42
CA ASN B 200 19.24 -2.30 -12.41
C ASN B 200 18.37 -1.06 -12.27
N LEU B 201 17.19 -1.08 -12.88
CA LEU B 201 16.27 0.04 -12.72
C LEU B 201 15.86 0.21 -11.26
N ALA B 202 15.47 -0.89 -10.61
CA ALA B 202 15.02 -0.82 -9.23
C ALA B 202 16.15 -0.37 -8.31
N ARG B 203 17.36 -0.88 -8.54
CA ARG B 203 18.50 -0.50 -7.71
C ARG B 203 18.71 1.00 -7.76
N ARG B 204 18.72 1.59 -8.96
CA ARG B 204 18.96 3.02 -9.09
C ARG B 204 17.83 3.83 -8.45
N VAL B 205 16.59 3.41 -8.65
CA VAL B 205 15.47 4.10 -7.99
C VAL B 205 15.62 3.99 -6.47
N VAL B 206 15.76 2.77 -5.96
CA VAL B 206 15.92 2.59 -4.51
C VAL B 206 17.10 3.40 -3.99
N SER B 207 18.23 3.34 -4.69
CA SER B 207 19.40 4.10 -4.24
C SER B 207 19.12 5.59 -4.19
N SER B 208 18.47 6.15 -5.22
CA SER B 208 18.18 7.58 -5.21
C SER B 208 17.24 7.95 -4.07
N VAL B 209 16.27 7.10 -3.76
CA VAL B 209 15.29 7.45 -2.73
C VAL B 209 15.92 7.38 -1.34
N VAL B 210 16.82 6.42 -1.13
CA VAL B 210 17.54 6.33 0.14
C VAL B 210 18.29 7.62 0.41
N GLU B 211 19.11 8.03 -0.56
CA GLU B 211 19.93 9.24 -0.41
C GLU B 211 19.06 10.50 -0.35
N GLY B 212 18.06 10.58 -1.22
CA GLY B 212 17.26 11.80 -1.28
C GLY B 212 16.21 11.90 -0.21
N GLU B 213 15.67 10.78 0.26
CA GLU B 213 14.55 10.87 1.19
C GLU B 213 14.75 10.09 2.48
N LEU B 214 15.11 8.80 2.39
CA LEU B 214 15.02 7.95 3.58
C LEU B 214 16.12 8.30 4.59
N CYS B 215 17.36 8.42 4.13
CA CYS B 215 18.44 8.75 5.05
C CYS B 215 18.27 10.14 5.66
N PRO B 216 17.97 11.20 4.90
CA PRO B 216 17.71 12.50 5.56
C PRO B 216 16.57 12.47 6.56
N ARG B 217 15.48 11.77 6.26
CA ARG B 217 14.37 11.69 7.21
C ARG B 217 14.75 10.91 8.47
N PHE B 218 15.55 9.85 8.29
CA PHE B 218 16.05 9.08 9.42
C PHE B 218 16.88 9.96 10.35
N ARG B 219 17.76 10.79 9.76
CA ARG B 219 18.59 11.71 10.55
C ARG B 219 17.75 12.75 11.25
N GLU B 220 16.74 13.29 10.57
CA GLU B 220 15.90 14.31 11.18
C GLU B 220 15.15 13.75 12.38
N LEU B 221 14.59 12.55 12.24
CA LEU B 221 13.83 11.95 13.34
C LEU B 221 14.70 11.75 14.56
N LEU B 222 15.95 11.31 14.36
CA LEU B 222 16.86 11.13 15.49
C LEU B 222 17.32 12.47 16.06
N GLU B 223 17.65 13.42 15.20
CA GLU B 223 17.98 14.77 15.65
C GLU B 223 16.85 15.40 16.45
N SER B 224 15.62 14.93 16.27
CA SER B 224 14.46 15.49 16.95
C SER B 224 14.34 15.00 18.38
N LEU B 225 15.21 14.10 18.84
CA LEU B 225 15.18 13.67 20.23
C LEU B 225 16.15 14.49 21.05
N ASP B 226 15.80 14.71 22.32
CA ASP B 226 16.68 15.45 23.20
C ASP B 226 17.75 14.53 23.77
N ALA B 227 18.81 15.15 24.30
CA ALA B 227 19.94 14.39 24.82
C ALA B 227 19.52 13.41 25.91
N GLU B 228 18.48 13.75 26.69
CA GLU B 228 18.02 12.84 27.72
C GLU B 228 17.29 11.64 27.11
N CYS B 229 16.47 11.90 26.08
CA CYS B 229 15.74 10.82 25.42
C CYS B 229 16.70 9.79 24.84
N VAL B 230 17.66 10.25 24.04
CA VAL B 230 18.61 9.34 23.40
C VAL B 230 19.44 8.60 24.43
N GLU B 231 19.78 9.27 25.54
CA GLU B 231 20.53 8.61 26.61
C GLU B 231 19.75 7.44 27.19
N LYS B 232 18.43 7.61 27.36
CA LYS B 232 17.60 6.54 27.93
C LYS B 232 17.47 5.38 26.96
N LEU B 233 17.31 5.66 25.66
CA LEU B 233 17.14 4.59 24.69
C LEU B 233 18.42 3.77 24.54
N ILE B 234 19.59 4.41 24.61
CA ILE B 234 20.86 3.69 24.53
C ILE B 234 21.00 2.73 25.71
N GLY B 235 20.57 3.16 26.89
CA GLY B 235 20.66 2.30 28.05
C GLY B 235 19.85 1.02 27.91
N GLU B 236 18.67 1.12 27.28
CA GLU B 236 17.83 -0.05 27.06
C GLU B 236 18.44 -0.99 26.02
N SER B 237 19.63 -1.49 26.30
CA SER B 237 20.31 -2.47 25.45
C SER B 237 21.15 -3.39 26.33
#